data_6J37
#
_entry.id   6J37
#
loop_
_entity.id
_entity.type
_entity.pdbx_description
1 polymer "DNA (5'-D(*CP*TP*TP*GP*CP*TP*TP*G)-3')"
2 non-polymer 'SODIUM ION'
#
_entity_poly.entity_id   1
_entity_poly.type   'polydeoxyribonucleotide'
_entity_poly.pdbx_seq_one_letter_code
;(DC)(DT)(DT)(DG)(DC)(DT)(DT)(DG)
;
_entity_poly.pdbx_strand_id   A
#